data_8RLB
#
_entry.id   8RLB
#
_cell.length_a   1.00
_cell.length_b   1.00
_cell.length_c   1.00
_cell.angle_alpha   90.00
_cell.angle_beta   90.00
_cell.angle_gamma   90.00
#
_symmetry.space_group_name_H-M   'P 1'
#
loop_
_entity.id
_entity.type
_entity.pdbx_description
1 polymer 'Green fluorescent protein'
2 polymer 'Gluebody GbEnhancer'
3 polymer 'Gluebody G5-006'
#
loop_
_entity_poly.entity_id
_entity_poly.type
_entity_poly.pdbx_seq_one_letter_code
_entity_poly.pdbx_strand_id
1 'polypeptide(L)'
;MSKGEELFTGVVPILVELDGDVNGHKFSVRGEGEGDATNGKLTLKFICTTGKLPVPWPTLVTTLTYGVQCFSRYPDHMKR
HDFFKSAMPEGYVQERTISFKDDGTYKTRAEVKFEGDTLVNRIELKGIDFKEDGNILGHKLEYNFNSHNVYITADKQKNG
IKANFKIRHNVEDGSVQLADHYQQNTPIGDGPVLLPDNHYLSTQSVLSKDPNEKRDHMVLLEFVTAAGITHGMDELYK
;
B
2 'polypeptide(L)'
;QVQLVENGGACVKPGGSLRLSCAASGFPVNRYSMRWYRQAPGKEREWVAGMSSAGDRSSYEDSVKGRFTISRDDARNTVY
LQMNSLKPEDTAVYYCNVNVGFEYWGQGTQVMVS
;
D
3 'polypeptide(L)'
;SMAQVQLVENGGGCVKAGGSLRLSCAASGSIFSINRMTWYRQAPGKEREWVAAITSGGSTNYADSVKGRFTISRDNAENT
VYLQMNSLKPEDTAVYYCEAYGTYTLAPTGEGEYDDYWGQGTQVMVS
;
K
#
# COMPACT_ATOMS: atom_id res chain seq x y z
N GLU A 5 13.78 3.12 24.11
CA GLU A 5 14.03 2.00 23.23
C GLU A 5 14.73 0.85 23.96
N GLU A 6 15.42 1.20 25.05
CA GLU A 6 16.12 0.18 25.82
C GLU A 6 15.15 -0.84 26.41
N LEU A 7 13.90 -0.43 26.66
CA LEU A 7 12.91 -1.37 27.18
C LEU A 7 12.63 -2.48 26.18
N PHE A 8 12.56 -2.14 24.89
CA PHE A 8 12.18 -3.10 23.86
C PHE A 8 13.32 -3.99 23.40
N THR A 9 14.55 -3.74 23.87
CA THR A 9 15.68 -4.57 23.48
C THR A 9 15.43 -6.01 23.89
N GLY A 10 15.41 -6.91 22.92
CA GLY A 10 15.15 -8.31 23.17
C GLY A 10 13.73 -8.72 22.84
N VAL A 11 13.12 -9.52 23.71
CA VAL A 11 11.76 -10.02 23.53
C VAL A 11 10.88 -9.42 24.62
N VAL A 12 9.70 -8.96 24.23
CA VAL A 12 8.76 -8.33 25.16
C VAL A 12 7.41 -9.04 25.08
N PRO A 13 6.86 -9.51 26.20
CA PRO A 13 5.50 -10.04 26.17
C PRO A 13 4.48 -8.95 25.85
N ILE A 14 3.39 -9.36 25.22
CA ILE A 14 2.32 -8.46 24.81
C ILE A 14 0.99 -9.03 25.26
N LEU A 15 0.18 -8.21 25.91
CA LEU A 15 -1.16 -8.55 26.34
C LEU A 15 -2.12 -7.49 25.80
N VAL A 16 -3.27 -7.94 25.28
CA VAL A 16 -4.25 -7.06 24.66
C VAL A 16 -5.63 -7.41 25.19
N GLU A 17 -6.42 -6.39 25.51
CA GLU A 17 -7.79 -6.55 25.96
C GLU A 17 -8.68 -5.62 25.16
N LEU A 18 -9.75 -6.17 24.59
CA LEU A 18 -10.69 -5.39 23.79
C LEU A 18 -12.11 -5.70 24.23
N ASP A 19 -12.93 -4.65 24.33
CA ASP A 19 -14.34 -4.78 24.71
C ASP A 19 -15.15 -3.96 23.72
N GLY A 20 -15.72 -4.62 22.70
CA GLY A 20 -16.43 -3.96 21.63
C GLY A 20 -17.93 -4.13 21.77
N ASP A 21 -18.67 -3.12 21.31
CA ASP A 21 -20.14 -3.11 21.32
C ASP A 21 -20.61 -2.72 19.93
N VAL A 22 -20.84 -3.73 19.08
CA VAL A 22 -21.25 -3.52 17.70
C VAL A 22 -22.77 -3.66 17.65
N ASN A 23 -23.46 -2.53 17.57
CA ASN A 23 -24.92 -2.51 17.40
C ASN A 23 -25.61 -3.36 18.46
N GLY A 24 -25.16 -3.23 19.70
CA GLY A 24 -25.74 -3.94 20.81
C GLY A 24 -25.14 -5.31 21.09
N HIS A 25 -24.28 -5.81 20.21
CA HIS A 25 -23.59 -7.07 20.43
C HIS A 25 -22.27 -6.79 21.12
N LYS A 26 -22.13 -7.28 22.35
CA LYS A 26 -20.96 -7.01 23.18
C LYS A 26 -20.04 -8.22 23.14
N PHE A 27 -18.78 -7.99 22.76
CA PHE A 27 -17.78 -9.05 22.66
C PHE A 27 -16.49 -8.61 23.33
N SER A 28 -15.90 -9.53 24.09
CA SER A 28 -14.63 -9.29 24.78
C SER A 28 -13.57 -10.23 24.20
N VAL A 29 -12.43 -9.67 23.83
CA VAL A 29 -11.33 -10.41 23.22
C VAL A 29 -10.09 -10.22 24.07
N ARG A 30 -9.45 -11.32 24.45
CA ARG A 30 -8.21 -11.32 25.22
C ARG A 30 -7.12 -11.95 24.37
N GLY A 31 -5.98 -11.28 24.28
CA GLY A 31 -4.90 -11.75 23.44
C GLY A 31 -3.56 -11.72 24.16
N GLU A 32 -2.74 -12.71 23.88
CA GLU A 32 -1.43 -12.83 24.49
C GLU A 32 -0.41 -13.23 23.45
N GLY A 33 0.84 -12.85 23.67
CA GLY A 33 1.91 -13.28 22.79
C GLY A 33 3.21 -12.56 23.09
N GLU A 34 4.08 -12.53 22.09
CA GLU A 34 5.41 -11.95 22.24
C GLU A 34 5.71 -11.03 21.05
N GLY A 35 6.71 -10.16 21.26
CA GLY A 35 7.17 -9.29 20.19
C GLY A 35 8.64 -8.97 20.30
N ASP A 36 9.33 -9.00 19.15
CA ASP A 36 10.74 -8.65 19.06
C ASP A 36 10.84 -7.37 18.25
N ALA A 37 10.99 -6.24 18.94
CA ALA A 37 11.07 -4.95 18.25
C ALA A 37 12.34 -4.85 17.42
N THR A 38 13.42 -5.51 17.84
CA THR A 38 14.68 -5.43 17.09
C THR A 38 14.49 -5.97 15.68
N ASN A 39 13.82 -7.11 15.54
CA ASN A 39 13.54 -7.69 14.23
C ASN A 39 12.19 -7.27 13.68
N GLY A 40 11.43 -6.46 14.42
CA GLY A 40 10.11 -6.04 13.97
C GLY A 40 9.16 -7.20 13.78
N LYS A 41 9.14 -8.14 14.72
CA LYS A 41 8.29 -9.33 14.66
C LYS A 41 7.27 -9.28 15.78
N LEU A 42 6.05 -9.76 15.50
CA LEU A 42 4.96 -9.76 16.46
C LEU A 42 4.18 -11.06 16.30
N THR A 43 4.22 -11.92 17.32
CA THR A 43 3.53 -13.20 17.29
C THR A 43 2.50 -13.20 18.40
N LEU A 44 1.22 -13.09 18.04
CA LEU A 44 0.16 -12.94 19.03
C LEU A 44 -0.98 -13.93 18.74
N LYS A 45 -1.82 -14.12 19.75
CA LYS A 45 -3.04 -14.91 19.62
C LYS A 45 -4.14 -14.17 20.38
N PHE A 46 -5.18 -13.75 19.66
CA PHE A 46 -6.29 -12.98 20.23
C PHE A 46 -7.52 -13.88 20.28
N ILE A 47 -7.71 -14.57 21.39
CA ILE A 47 -8.86 -15.45 21.56
C ILE A 47 -10.05 -14.61 22.04
N CYS A 48 -11.19 -14.79 21.39
CA CYS A 48 -12.42 -14.12 21.79
C CYS A 48 -12.99 -14.82 23.03
N THR A 49 -13.06 -14.08 24.14
CA THR A 49 -13.56 -14.68 25.37
C THR A 49 -15.01 -15.14 25.21
N THR A 50 -15.82 -14.37 24.49
CA THR A 50 -17.20 -14.75 24.26
C THR A 50 -17.26 -15.98 23.35
N GLY A 51 -18.46 -16.54 23.22
CA GLY A 51 -18.64 -17.73 22.42
C GLY A 51 -18.23 -17.54 20.98
N LYS A 52 -18.62 -16.42 20.38
CA LYS A 52 -18.30 -16.14 18.99
C LYS A 52 -18.13 -14.64 18.80
N LEU A 53 -17.41 -14.27 17.74
CA LEU A 53 -17.14 -12.88 17.44
C LEU A 53 -18.17 -12.40 16.42
N PRO A 54 -19.06 -11.45 16.76
CA PRO A 54 -20.12 -11.08 15.81
C PRO A 54 -19.63 -10.40 14.54
N VAL A 55 -18.34 -10.07 14.45
CA VAL A 55 -17.80 -9.44 13.23
C VAL A 55 -16.61 -10.25 12.75
N PRO A 56 -16.24 -10.10 11.48
CA PRO A 56 -15.07 -10.83 10.98
C PRO A 56 -13.80 -10.41 11.70
N TRP A 57 -12.89 -11.37 11.86
CA TRP A 57 -11.62 -11.08 12.51
C TRP A 57 -10.83 -9.99 11.79
N PRO A 58 -10.71 -10.00 10.46
CA PRO A 58 -9.88 -8.97 9.80
C PRO A 58 -10.30 -7.55 10.14
N THR A 59 -11.59 -7.31 10.40
CA THR A 59 -12.02 -5.97 10.76
C THR A 59 -11.37 -5.51 12.07
N LEU A 60 -11.25 -6.43 13.03
CA LEU A 60 -10.66 -6.11 14.33
C LEU A 60 -9.16 -6.34 14.39
N VAL A 61 -8.56 -6.91 13.35
CA VAL A 61 -7.10 -7.04 13.33
C VAL A 61 -6.45 -5.67 13.43
N THR A 62 -6.98 -4.69 12.69
CA THR A 62 -6.43 -3.33 12.76
C THR A 62 -6.60 -2.74 14.16
N THR A 63 -7.75 -2.97 14.79
CA THR A 63 -7.98 -2.42 16.12
C THR A 63 -7.04 -3.04 17.14
N LEU A 64 -6.79 -4.34 17.02
CA LEU A 64 -5.99 -5.04 18.03
C LEU A 64 -4.49 -4.84 17.81
N THR A 65 -3.99 -5.18 16.62
CA THR A 65 -2.55 -5.22 16.41
C THR A 65 -1.98 -3.83 16.15
N TYR A 66 -2.57 -3.07 15.22
CA TYR A 66 -2.02 -1.76 14.88
C TYR A 66 -2.08 -0.78 16.03
N GLY A 67 -2.84 -1.07 17.08
CA GLY A 67 -2.70 -0.32 18.32
C GLY A 67 -1.31 -0.48 18.91
N VAL A 68 -0.71 -1.65 18.75
CA VAL A 68 0.66 -1.91 19.19
C VAL A 68 1.55 -1.73 17.97
N GLN A 69 1.98 -0.49 17.75
CA GLN A 69 2.94 -0.18 16.69
C GLN A 69 4.32 0.16 17.24
N CYS A 70 4.53 -0.01 18.55
CA CYS A 70 5.82 0.27 19.16
C CYS A 70 6.87 -0.79 18.85
N PHE A 71 6.46 -1.96 18.38
CA PHE A 71 7.39 -3.02 18.01
C PHE A 71 7.91 -2.87 16.59
N SER A 72 7.48 -1.85 15.87
CA SER A 72 7.92 -1.66 14.49
C SER A 72 9.42 -1.47 14.44
N ARG A 73 10.04 -2.03 13.39
CA ARG A 73 11.49 -1.93 13.20
C ARG A 73 11.80 -0.59 12.56
N TYR A 74 12.24 0.37 13.37
CA TYR A 74 12.62 1.69 12.86
C TYR A 74 14.10 1.69 12.50
N PRO A 75 14.47 2.06 11.27
CA PRO A 75 15.89 2.13 10.92
C PRO A 75 16.69 2.99 11.89
N ASP A 76 18.01 2.87 11.85
CA ASP A 76 18.84 3.61 12.80
C ASP A 76 18.61 5.10 12.71
N HIS A 77 18.73 5.66 11.49
CA HIS A 77 18.53 7.09 11.32
C HIS A 77 17.11 7.51 11.67
N MET A 78 16.16 6.58 11.67
CA MET A 78 14.77 6.85 12.03
C MET A 78 14.46 6.46 13.46
N LYS A 79 15.48 6.03 14.23
CA LYS A 79 15.21 5.59 15.60
C LYS A 79 14.61 6.72 16.44
N ARG A 80 15.11 7.94 16.26
CA ARG A 80 14.56 9.08 16.98
C ARG A 80 13.10 9.33 16.64
N HIS A 81 12.66 8.90 15.46
CA HIS A 81 11.32 9.21 14.98
C HIS A 81 10.24 8.33 15.60
N ASP A 82 10.61 7.33 16.40
CA ASP A 82 9.64 6.41 16.99
C ASP A 82 8.96 7.11 18.16
N PHE A 83 7.78 7.71 17.90
CA PHE A 83 7.02 8.33 18.97
C PHE A 83 6.50 7.30 19.96
N PHE A 84 6.09 6.13 19.46
CA PHE A 84 5.52 5.11 20.34
C PHE A 84 6.54 4.70 21.41
N LYS A 85 7.77 4.39 20.99
CA LYS A 85 8.79 4.01 21.96
C LYS A 85 9.09 5.16 22.91
N SER A 86 9.16 6.38 22.40
CA SER A 86 9.47 7.53 23.25
C SER A 86 8.43 7.72 24.34
N ALA A 87 7.16 7.59 24.00
CA ALA A 87 6.07 7.78 24.94
C ALA A 87 5.59 6.49 25.59
N MET A 88 6.15 5.34 25.21
CA MET A 88 5.68 4.08 25.77
C MET A 88 5.84 3.99 27.29
N PRO A 89 6.96 4.39 27.88
CA PRO A 89 7.13 4.14 29.33
C PRO A 89 5.98 4.64 30.19
N GLU A 90 5.41 5.80 29.86
CA GLU A 90 4.24 6.30 30.54
C GLU A 90 2.94 5.93 29.83
N GLY A 91 3.02 5.30 28.66
CA GLY A 91 1.83 4.91 27.92
C GLY A 91 1.28 6.05 27.08
N TYR A 92 0.25 5.71 26.30
CA TYR A 92 -0.41 6.68 25.44
C TYR A 92 -1.85 6.25 25.19
N VAL A 93 -2.63 7.17 24.65
CA VAL A 93 -4.04 6.94 24.32
C VAL A 93 -4.19 7.07 22.82
N GLN A 94 -4.94 6.15 22.21
CA GLN A 94 -5.08 6.06 20.76
C GLN A 94 -6.56 5.94 20.42
N GLU A 95 -7.09 6.93 19.71
CA GLU A 95 -8.48 6.94 19.30
C GLU A 95 -8.56 6.75 17.79
N ARG A 96 -9.31 5.73 17.36
CA ARG A 96 -9.46 5.40 15.96
C ARG A 96 -10.89 5.63 15.52
N THR A 97 -11.05 6.32 14.39
CA THR A 97 -12.33 6.38 13.69
C THR A 97 -12.16 5.70 12.34
N ILE A 98 -13.04 4.74 12.05
CA ILE A 98 -12.89 3.85 10.91
C ILE A 98 -14.20 3.88 10.13
N SER A 99 -14.16 4.45 8.93
CA SER A 99 -15.33 4.55 8.08
C SER A 99 -15.27 3.48 7.00
N PHE A 100 -16.21 2.55 7.04
CA PHE A 100 -16.30 1.52 6.01
C PHE A 100 -16.95 2.10 4.76
N LYS A 101 -16.78 1.39 3.64
CA LYS A 101 -17.35 1.83 2.38
C LYS A 101 -18.84 1.59 2.38
N ASP A 102 -19.61 2.55 2.91
CA ASP A 102 -21.06 2.46 2.96
C ASP A 102 -21.53 1.32 3.87
N ASP A 103 -20.78 1.01 4.91
CA ASP A 103 -21.16 -0.05 5.86
C ASP A 103 -20.85 0.39 7.29
N GLY A 104 -21.20 1.63 7.63
CA GLY A 104 -21.11 2.10 9.00
C GLY A 104 -19.70 2.49 9.41
N THR A 105 -19.52 2.60 10.74
CA THR A 105 -18.28 3.15 11.28
C THR A 105 -17.96 2.54 12.63
N TYR A 106 -16.67 2.25 12.83
CA TYR A 106 -16.13 1.91 14.14
C TYR A 106 -15.54 3.15 14.80
N LYS A 107 -15.74 3.25 16.12
CA LYS A 107 -15.03 4.21 16.96
C LYS A 107 -14.41 3.44 18.11
N THR A 108 -13.09 3.58 18.28
CA THR A 108 -12.37 2.82 19.28
C THR A 108 -11.45 3.74 20.07
N ARG A 109 -11.32 3.43 21.36
CA ARG A 109 -10.39 4.14 22.25
C ARG A 109 -9.54 3.11 22.97
N ALA A 110 -8.22 3.28 22.90
CA ALA A 110 -7.28 2.31 23.44
C ALA A 110 -6.26 3.02 24.31
N GLU A 111 -5.83 2.33 25.36
CA GLU A 111 -4.77 2.79 26.24
C GLU A 111 -3.65 1.76 26.23
N VAL A 112 -2.44 2.22 25.93
CA VAL A 112 -1.26 1.36 25.82
C VAL A 112 -0.31 1.74 26.94
N LYS A 113 0.08 0.76 27.75
CA LYS A 113 0.96 1.08 28.88
C LYS A 113 1.66 -0.17 29.39
N PHE A 114 2.78 0.04 30.06
CA PHE A 114 3.50 -1.03 30.72
C PHE A 114 2.92 -1.27 32.10
N GLU A 115 2.61 -2.53 32.40
CA GLU A 115 2.20 -2.95 33.74
C GLU A 115 3.10 -4.08 34.18
N GLY A 116 3.67 -3.97 35.37
CA GLY A 116 4.66 -4.93 35.80
C GLY A 116 5.84 -4.95 34.84
N ASP A 117 5.94 -6.02 34.05
CA ASP A 117 6.96 -6.14 33.02
C ASP A 117 6.35 -6.54 31.68
N THR A 118 5.08 -6.20 31.46
CA THR A 118 4.37 -6.60 30.26
C THR A 118 3.59 -5.43 29.67
N LEU A 119 3.55 -5.36 28.35
CA LEU A 119 2.73 -4.37 27.66
C LEU A 119 1.26 -4.75 27.76
N VAL A 120 0.40 -3.75 27.95
CA VAL A 120 -1.03 -3.97 28.07
C VAL A 120 -1.75 -2.95 27.20
N ASN A 121 -2.75 -3.43 26.45
CA ASN A 121 -3.59 -2.61 25.59
C ASN A 121 -5.03 -2.81 26.03
N ARG A 122 -5.65 -1.75 26.57
CA ARG A 122 -7.04 -1.78 26.98
C ARG A 122 -7.85 -1.04 25.94
N ILE A 123 -8.72 -1.75 25.21
CA ILE A 123 -9.39 -1.22 24.04
C ILE A 123 -10.90 -1.30 24.26
N GLU A 124 -11.60 -0.25 23.87
CA GLU A 124 -13.06 -0.21 23.88
C GLU A 124 -13.53 0.18 22.48
N LEU A 125 -14.36 -0.65 21.87
CA LEU A 125 -14.82 -0.46 20.50
C LEU A 125 -16.34 -0.26 20.48
N LYS A 126 -16.81 0.45 19.46
CA LYS A 126 -18.24 0.65 19.26
C LYS A 126 -18.50 0.88 17.78
N GLY A 127 -19.28 0.00 17.18
CA GLY A 127 -19.63 0.09 15.76
C GLY A 127 -21.09 0.48 15.60
N ILE A 128 -21.34 1.43 14.69
CA ILE A 128 -22.68 1.95 14.46
C ILE A 128 -22.93 2.09 12.97
N ASP A 129 -24.20 2.28 12.63
CA ASP A 129 -24.64 2.52 11.24
C ASP A 129 -24.33 1.33 10.35
N PHE A 130 -24.62 0.13 10.84
CA PHE A 130 -24.34 -1.10 10.13
C PHE A 130 -25.60 -1.63 9.45
N LYS A 131 -25.40 -2.24 8.28
CA LYS A 131 -26.47 -2.82 7.49
C LYS A 131 -26.34 -4.33 7.49
N GLU A 132 -27.43 -5.02 7.84
CA GLU A 132 -27.42 -6.47 7.84
C GLU A 132 -27.26 -7.01 6.43
N ASP A 133 -26.62 -8.17 6.32
CA ASP A 133 -26.29 -8.82 5.06
C ASP A 133 -25.17 -8.11 4.31
N GLY A 134 -24.45 -7.22 4.98
CA GLY A 134 -23.37 -6.49 4.36
C GLY A 134 -22.07 -7.27 4.37
N ASN A 135 -21.01 -6.60 3.90
CA ASN A 135 -19.70 -7.24 3.83
C ASN A 135 -19.20 -7.63 5.21
N ILE A 136 -19.36 -6.75 6.20
CA ILE A 136 -18.89 -7.03 7.55
C ILE A 136 -19.90 -7.89 8.30
N LEU A 137 -21.13 -7.40 8.43
CA LEU A 137 -22.14 -8.14 9.19
C LEU A 137 -22.49 -9.47 8.54
N GLY A 138 -22.36 -9.55 7.21
CA GLY A 138 -22.64 -10.79 6.51
C GLY A 138 -21.55 -11.83 6.59
N HIS A 139 -20.42 -11.50 7.20
CA HIS A 139 -19.28 -12.42 7.35
C HIS A 139 -18.73 -12.87 6.00
N LYS A 140 -19.01 -12.10 4.94
CA LYS A 140 -18.49 -12.45 3.62
C LYS A 140 -16.97 -12.33 3.56
N LEU A 141 -16.36 -11.57 4.45
CA LEU A 141 -14.91 -11.39 4.42
C LEU A 141 -14.21 -12.72 4.66
N GLU A 142 -13.23 -13.04 3.82
CA GLU A 142 -12.41 -14.21 4.04
C GLU A 142 -11.43 -13.96 5.19
N TYR A 143 -11.01 -15.04 5.84
CA TYR A 143 -10.10 -14.93 6.98
C TYR A 143 -8.68 -14.79 6.46
N ASN A 144 -8.28 -13.56 6.17
CA ASN A 144 -6.92 -13.25 5.73
C ASN A 144 -6.76 -11.74 5.73
N PHE A 145 -5.54 -11.30 6.04
CA PHE A 145 -5.23 -9.87 6.14
C PHE A 145 -4.06 -9.57 5.22
N ASN A 146 -4.20 -8.56 4.39
CA ASN A 146 -3.19 -8.19 3.40
C ASN A 146 -2.23 -7.16 3.97
N SER A 147 -1.06 -7.07 3.35
CA SER A 147 -0.08 -6.06 3.73
C SER A 147 -0.60 -4.67 3.39
N HIS A 148 -0.26 -3.69 4.23
CA HIS A 148 -0.84 -2.35 4.11
C HIS A 148 0.20 -1.31 4.49
N ASN A 149 -0.17 -0.04 4.32
CA ASN A 149 0.67 1.09 4.66
C ASN A 149 -0.11 2.07 5.53
N VAL A 150 0.56 2.62 6.54
CA VAL A 150 -0.04 3.58 7.46
C VAL A 150 0.82 4.85 7.43
N TYR A 151 0.21 5.98 7.06
CA TYR A 151 0.92 7.24 7.00
C TYR A 151 0.80 7.96 8.34
N ILE A 152 1.92 8.53 8.79
CA ILE A 152 2.07 9.06 10.15
C ILE A 152 2.58 10.49 10.04
N THR A 153 1.91 11.42 10.73
CA THR A 153 2.28 12.83 10.72
C THR A 153 2.04 13.44 12.10
N ALA A 154 2.88 14.41 12.45
CA ALA A 154 2.83 15.01 13.78
C ALA A 154 1.70 16.04 13.87
N ASP A 155 1.41 16.45 15.11
CA ASP A 155 0.45 17.53 15.36
C ASP A 155 0.83 18.17 16.68
N LYS A 156 1.43 19.37 16.61
CA LYS A 156 1.87 20.06 17.82
C LYS A 156 0.69 20.63 18.59
N GLN A 157 -0.37 21.04 17.90
CA GLN A 157 -1.53 21.63 18.59
C GLN A 157 -2.11 20.63 19.58
N LYS A 158 -2.28 19.38 19.17
CA LYS A 158 -2.73 18.31 20.05
C LYS A 158 -1.57 17.61 20.74
N ASN A 159 -0.33 17.95 20.40
CA ASN A 159 0.84 17.32 21.00
C ASN A 159 0.78 15.81 20.83
N GLY A 160 0.39 15.36 19.64
CA GLY A 160 0.21 13.95 19.39
C GLY A 160 0.44 13.61 17.94
N ILE A 161 0.41 12.31 17.66
CA ILE A 161 0.69 11.78 16.33
C ILE A 161 -0.62 11.32 15.71
N LYS A 162 -0.79 11.61 14.42
CA LYS A 162 -2.00 11.30 13.67
C LYS A 162 -1.64 10.35 12.53
N ALA A 163 -2.49 9.34 12.32
CA ALA A 163 -2.27 8.37 11.26
C ALA A 163 -3.46 8.31 10.33
N ASN A 164 -3.18 8.05 9.06
CA ASN A 164 -4.21 7.86 8.05
C ASN A 164 -3.86 6.66 7.20
N PHE A 165 -4.89 5.94 6.75
CA PHE A 165 -4.65 4.90 5.76
C PHE A 165 -5.97 4.32 5.27
N LYS A 166 -5.86 3.46 4.26
CA LYS A 166 -6.97 2.70 3.71
C LYS A 166 -6.64 1.22 3.81
N ILE A 167 -7.58 0.43 4.31
CA ILE A 167 -7.41 -1.01 4.45
C ILE A 167 -8.28 -1.70 3.42
N ARG A 168 -7.68 -2.66 2.72
CA ARG A 168 -8.35 -3.47 1.71
C ARG A 168 -8.75 -4.80 2.34
N HIS A 169 -10.04 -5.07 2.41
CA HIS A 169 -10.55 -6.33 2.94
C HIS A 169 -11.11 -7.17 1.81
N ASN A 170 -10.62 -8.41 1.70
CA ASN A 170 -11.08 -9.34 0.69
C ASN A 170 -12.45 -9.90 1.07
N VAL A 171 -13.18 -10.34 0.05
CA VAL A 171 -14.53 -10.87 0.23
C VAL A 171 -14.64 -12.18 -0.53
N GLU A 172 -15.58 -13.03 -0.07
CA GLU A 172 -15.75 -14.34 -0.70
C GLU A 172 -16.18 -14.20 -2.15
N ASP A 173 -17.04 -13.23 -2.46
CA ASP A 173 -17.50 -13.03 -3.83
C ASP A 173 -16.41 -12.44 -4.73
N GLY A 174 -15.28 -12.03 -4.16
CA GLY A 174 -14.21 -11.41 -4.92
C GLY A 174 -14.12 -9.92 -4.79
N SER A 175 -15.14 -9.28 -4.21
CA SER A 175 -15.10 -7.84 -4.01
C SER A 175 -14.05 -7.47 -2.97
N VAL A 176 -13.50 -6.27 -3.09
CA VAL A 176 -12.53 -5.73 -2.16
C VAL A 176 -13.12 -4.46 -1.57
N GLN A 177 -13.21 -4.41 -0.24
CA GLN A 177 -13.81 -3.28 0.45
C GLN A 177 -12.72 -2.36 1.00
N LEU A 178 -12.85 -1.07 0.74
CA LEU A 178 -11.88 -0.06 1.15
C LEU A 178 -12.42 0.65 2.39
N ALA A 179 -11.70 0.52 3.51
CA ALA A 179 -12.09 1.15 4.77
C ALA A 179 -11.08 2.22 5.13
N ASP A 180 -11.57 3.44 5.38
CA ASP A 180 -10.70 4.54 5.79
C ASP A 180 -10.46 4.46 7.29
N HIS A 181 -9.20 4.61 7.69
CA HIS A 181 -8.78 4.53 9.09
C HIS A 181 -8.04 5.82 9.45
N TYR A 182 -8.53 6.49 10.49
CA TYR A 182 -7.92 7.71 11.01
C TYR A 182 -7.62 7.51 12.49
N GLN A 183 -6.40 7.85 12.89
CA GLN A 183 -5.88 7.60 14.22
C GLN A 183 -5.40 8.90 14.83
N GLN A 184 -5.73 9.10 16.10
CA GLN A 184 -5.24 10.25 16.88
C GLN A 184 -4.60 9.73 18.16
N ASN A 185 -3.45 10.29 18.52
CA ASN A 185 -2.73 9.85 19.70
C ASN A 185 -2.53 11.00 20.67
N THR A 186 -2.54 10.66 21.96
CA THR A 186 -2.32 11.61 23.04
C THR A 186 -1.31 10.99 24.00
N PRO A 187 -0.18 11.63 24.28
CA PRO A 187 0.81 11.04 25.19
C PRO A 187 0.37 11.17 26.64
N ILE A 188 0.19 10.03 27.31
CA ILE A 188 -0.19 10.06 28.72
C ILE A 188 0.89 10.72 29.55
N GLY A 189 2.14 10.37 29.31
CA GLY A 189 3.23 10.95 30.07
C GLY A 189 3.46 12.40 29.72
N ASP A 190 4.04 13.14 30.67
CA ASP A 190 4.36 14.53 30.49
C ASP A 190 5.76 14.75 29.93
N GLY A 191 6.52 13.68 29.69
CA GLY A 191 7.85 13.81 29.15
C GLY A 191 7.83 14.22 27.69
N PRO A 192 9.00 14.55 27.15
CA PRO A 192 9.06 15.00 25.74
C PRO A 192 8.50 13.95 24.80
N VAL A 193 7.64 14.39 23.88
CA VAL A 193 6.98 13.46 22.96
C VAL A 193 7.98 12.93 21.94
N LEU A 194 8.87 13.78 21.44
CA LEU A 194 9.79 13.40 20.37
C LEU A 194 9.03 13.01 19.11
N LEU A 195 8.04 13.84 18.75
CA LEU A 195 7.18 13.52 17.63
C LEU A 195 7.97 13.54 16.32
N PRO A 196 7.71 12.60 15.41
CA PRO A 196 8.46 12.57 14.15
C PRO A 196 7.84 13.40 13.05
N ASP A 197 8.48 13.41 11.88
CA ASP A 197 7.91 14.01 10.68
C ASP A 197 7.08 12.95 9.95
N ASN A 198 6.68 13.25 8.71
CA ASN A 198 5.89 12.31 7.95
C ASN A 198 6.67 11.03 7.69
N HIS A 199 6.03 9.88 7.93
CA HIS A 199 6.66 8.60 7.63
C HIS A 199 5.60 7.53 7.48
N TYR A 200 5.89 6.52 6.68
CA TYR A 200 4.93 5.47 6.39
C TYR A 200 5.43 4.13 6.93
N LEU A 201 4.54 3.41 7.61
CA LEU A 201 4.84 2.09 8.16
C LEU A 201 4.19 1.04 7.27
N SER A 202 5.00 0.09 6.80
CA SER A 202 4.52 -1.02 5.99
C SER A 202 4.32 -2.24 6.88
N THR A 203 3.14 -2.86 6.82
CA THR A 203 2.79 -4.00 7.70
C THR A 203 2.57 -5.24 6.84
N GLN A 204 3.09 -6.41 7.25
CA GLN A 204 2.84 -7.69 6.54
C GLN A 204 2.13 -8.61 7.53
N SER A 205 0.93 -9.11 7.21
CA SER A 205 0.13 -9.93 8.15
C SER A 205 -0.15 -11.31 7.56
N VAL A 206 0.16 -12.39 8.28
CA VAL A 206 -0.17 -13.78 7.85
C VAL A 206 -1.00 -14.35 9.00
N LEU A 207 -2.19 -14.89 8.72
CA LEU A 207 -3.10 -15.37 9.78
C LEU A 207 -3.14 -16.90 9.78
N SER A 208 -3.40 -17.51 10.94
CA SER A 208 -3.44 -18.96 11.06
C SER A 208 -4.28 -19.35 12.27
N LYS A 209 -4.70 -20.62 12.27
CA LYS A 209 -5.36 -21.26 13.40
C LYS A 209 -4.44 -22.30 14.02
N ASP A 210 -4.45 -22.38 15.35
CA ASP A 210 -3.81 -23.48 16.04
C ASP A 210 -4.70 -24.71 16.01
N PRO A 211 -4.13 -25.92 16.05
CA PRO A 211 -4.97 -27.13 16.08
C PRO A 211 -5.55 -27.43 17.45
N ASN A 212 -4.79 -27.13 18.51
CA ASN A 212 -5.15 -27.59 19.84
C ASN A 212 -6.39 -26.88 20.38
N GLU A 213 -6.43 -25.55 20.28
CA GLU A 213 -7.48 -24.77 20.93
C GLU A 213 -8.78 -24.89 20.17
N LYS A 214 -9.82 -25.39 20.84
CA LYS A 214 -11.15 -25.46 20.23
C LYS A 214 -11.72 -24.07 19.99
N ARG A 215 -11.49 -23.15 20.94
CA ARG A 215 -11.97 -21.79 20.79
C ARG A 215 -11.29 -21.11 19.61
N ASP A 216 -11.80 -19.93 19.25
CA ASP A 216 -11.22 -19.18 18.14
C ASP A 216 -9.74 -18.91 18.43
N HIS A 217 -8.90 -19.21 17.44
CA HIS A 217 -7.46 -19.12 17.61
C HIS A 217 -6.93 -17.72 17.31
N MET A 218 -7.18 -17.22 16.09
CA MET A 218 -6.78 -15.87 15.71
C MET A 218 -5.27 -15.70 15.86
N VAL A 219 -4.51 -16.69 15.41
CA VAL A 219 -3.06 -16.63 15.50
C VAL A 219 -2.54 -15.68 14.43
N LEU A 220 -1.72 -14.72 14.84
CA LEU A 220 -1.31 -13.62 13.98
C LEU A 220 0.21 -13.46 14.04
N LEU A 221 0.84 -13.39 12.86
CA LEU A 221 2.27 -13.16 12.72
C LEU A 221 2.45 -11.90 11.87
N GLU A 222 2.97 -10.83 12.47
CA GLU A 222 3.07 -9.55 11.81
C GLU A 222 4.51 -9.05 11.79
N PHE A 223 4.84 -8.34 10.72
CA PHE A 223 6.14 -7.68 10.57
C PHE A 223 5.88 -6.26 10.08
N VAL A 224 6.25 -5.27 10.90
CA VAL A 224 6.00 -3.87 10.60
C VAL A 224 7.35 -3.17 10.50
N THR A 225 7.54 -2.44 9.40
CA THR A 225 8.78 -1.71 9.16
C THR A 225 8.46 -0.27 8.78
N ALA A 226 9.10 0.67 9.46
CA ALA A 226 8.92 2.08 9.15
C ALA A 226 9.86 2.50 8.02
N ALA A 227 9.44 3.53 7.29
CA ALA A 227 10.24 4.05 6.17
C ALA A 227 9.65 5.39 5.77
N GLY A 228 10.21 5.97 4.71
CA GLY A 228 9.80 7.27 4.22
C GLY A 228 10.76 8.40 4.58
N ILE A 229 11.72 8.16 5.46
CA ILE A 229 12.70 9.17 5.83
C ILE A 229 14.10 8.58 5.70
N GLN B 1 9.18 -19.67 -4.00
CA GLN B 1 8.00 -20.37 -3.41
C GLN B 1 6.75 -20.14 -4.26
N VAL B 2 6.18 -18.94 -4.14
CA VAL B 2 4.99 -18.55 -4.87
C VAL B 2 5.32 -17.32 -5.71
N GLN B 3 5.02 -17.39 -7.00
CA GLN B 3 5.30 -16.27 -7.89
C GLN B 3 4.19 -16.16 -8.93
N LEU B 4 4.05 -14.95 -9.48
CA LEU B 4 3.02 -14.61 -10.45
C LEU B 4 3.67 -13.95 -11.65
N VAL B 5 3.13 -14.24 -12.84
CA VAL B 5 3.58 -13.62 -14.08
C VAL B 5 2.36 -13.22 -14.90
N GLU B 6 2.32 -11.96 -15.32
CA GLU B 6 1.21 -11.44 -16.10
C GLU B 6 1.63 -11.25 -17.55
N ASN B 7 0.62 -11.21 -18.43
CA ASN B 7 0.88 -11.06 -19.86
C ASN B 7 -0.39 -10.56 -20.53
N GLY B 8 -0.25 -10.22 -21.82
CA GLY B 8 -1.37 -9.76 -22.62
C GLY B 8 -1.55 -8.26 -22.64
N GLY B 9 -0.75 -7.50 -21.92
CA GLY B 9 -0.88 -6.05 -21.92
C GLY B 9 -0.33 -5.42 -23.18
N ALA B 10 -1.22 -4.92 -24.02
CA ALA B 10 -0.83 -4.30 -25.29
C ALA B 10 -1.63 -3.03 -25.50
N CYS B 11 -1.07 -2.11 -26.28
CA CYS B 11 -1.76 -0.87 -26.60
C CYS B 11 -2.96 -1.16 -27.48
N VAL B 12 -4.13 -0.68 -27.07
CA VAL B 12 -5.38 -0.94 -27.77
C VAL B 12 -6.14 0.38 -27.90
N LYS B 13 -6.68 0.62 -29.10
CA LYS B 13 -7.47 1.81 -29.34
C LYS B 13 -8.83 1.69 -28.65
N PRO B 14 -9.52 2.81 -28.43
CA PRO B 14 -10.86 2.74 -27.85
C PRO B 14 -11.77 1.86 -28.69
N GLY B 15 -12.58 1.05 -28.02
CA GLY B 15 -13.45 0.10 -28.69
C GLY B 15 -12.81 -1.22 -29.03
N GLY B 16 -11.51 -1.38 -28.78
CA GLY B 16 -10.83 -2.64 -29.02
C GLY B 16 -10.99 -3.59 -27.84
N SER B 17 -10.19 -4.66 -27.87
CA SER B 17 -10.24 -5.67 -26.82
C SER B 17 -8.89 -6.36 -26.70
N LEU B 18 -8.52 -6.68 -25.46
CA LEU B 18 -7.33 -7.45 -25.16
C LEU B 18 -7.62 -8.41 -24.01
N ARG B 19 -6.85 -9.49 -23.97
CA ARG B 19 -7.07 -10.61 -23.06
C ARG B 19 -5.92 -10.68 -22.06
N LEU B 20 -6.08 -10.04 -20.90
CA LEU B 20 -5.06 -10.09 -19.87
C LEU B 20 -4.99 -11.48 -19.27
N SER B 21 -3.77 -11.92 -18.95
CA SER B 21 -3.55 -13.25 -18.41
C SER B 21 -2.63 -13.18 -17.20
N CYS B 22 -2.89 -14.06 -16.23
CA CYS B 22 -2.10 -14.14 -15.00
C CYS B 22 -1.86 -15.60 -14.67
N ALA B 23 -0.60 -16.04 -14.81
CA ALA B 23 -0.20 -17.38 -14.43
C ALA B 23 0.49 -17.34 -13.07
N ALA B 24 0.34 -18.42 -12.32
CA ALA B 24 0.91 -18.52 -10.99
C ALA B 24 1.61 -19.86 -10.82
N SER B 25 2.69 -19.85 -10.05
CA SER B 25 3.40 -21.08 -9.72
C SER B 25 3.70 -21.09 -8.23
N GLY B 26 3.52 -22.26 -7.61
CA GLY B 26 3.70 -22.44 -6.18
C GLY B 26 2.44 -22.82 -5.43
N PHE B 27 1.28 -22.87 -6.09
CA PHE B 27 0.03 -23.22 -5.44
C PHE B 27 -0.97 -23.62 -6.50
N PRO B 28 -2.04 -24.34 -6.11
CA PRO B 28 -3.12 -24.60 -7.07
C PRO B 28 -4.10 -23.45 -7.12
N VAL B 29 -4.51 -23.09 -8.33
CA VAL B 29 -5.38 -21.94 -8.52
C VAL B 29 -6.77 -22.20 -7.94
N ASN B 30 -7.28 -23.43 -8.08
CA ASN B 30 -8.65 -23.71 -7.68
C ASN B 30 -8.85 -23.51 -6.18
N ARG B 31 -7.82 -23.76 -5.38
CA ARG B 31 -7.94 -23.68 -3.92
C ARG B 31 -7.93 -22.25 -3.40
N TYR B 32 -7.57 -21.27 -4.21
CA TYR B 32 -7.44 -19.89 -3.74
C TYR B 32 -8.05 -18.94 -4.76
N SER B 33 -8.66 -17.86 -4.25
CA SER B 33 -9.25 -16.84 -5.10
C SER B 33 -8.19 -15.88 -5.61
N MET B 34 -8.49 -15.23 -6.74
CA MET B 34 -7.57 -14.29 -7.38
C MET B 34 -8.30 -12.99 -7.70
N ARG B 35 -7.62 -11.88 -7.51
CA ARG B 35 -8.20 -10.56 -7.74
C ARG B 35 -7.31 -9.76 -8.67
N TRP B 36 -7.92 -8.79 -9.35
CA TRP B 36 -7.22 -7.88 -10.24
C TRP B 36 -7.39 -6.46 -9.71
N TYR B 37 -6.28 -5.73 -9.61
CA TYR B 37 -6.28 -4.37 -9.10
C TYR B 37 -5.83 -3.41 -10.20
N ARG B 38 -6.44 -2.23 -10.25
CA ARG B 38 -6.16 -1.23 -11.26
C ARG B 38 -5.48 -0.03 -10.60
N GLN B 39 -4.32 0.36 -11.13
CA GLN B 39 -3.51 1.44 -10.56
C GLN B 39 -3.14 2.40 -11.67
N ALA B 40 -3.69 3.62 -11.62
CA ALA B 40 -3.25 4.65 -12.55
C ALA B 40 -1.96 5.28 -12.05
N PRO B 41 -1.13 5.81 -12.96
CA PRO B 41 0.14 6.41 -12.52
C PRO B 41 -0.10 7.57 -11.57
N GLY B 42 0.37 7.39 -10.33
CA GLY B 42 0.23 8.40 -9.31
C GLY B 42 -1.06 8.35 -8.52
N LYS B 43 -1.98 7.44 -8.84
CA LYS B 43 -3.26 7.32 -8.17
C LYS B 43 -3.26 6.12 -7.23
N GLU B 44 -4.25 6.09 -6.33
CA GLU B 44 -4.37 5.00 -5.38
C GLU B 44 -4.87 3.74 -6.08
N ARG B 45 -4.38 2.60 -5.62
CA ARG B 45 -4.78 1.31 -6.19
C ARG B 45 -6.25 1.04 -5.88
N GLU B 46 -6.95 0.46 -6.86
CA GLU B 46 -8.35 0.11 -6.73
C GLU B 46 -8.57 -1.32 -7.21
N TRP B 47 -9.79 -1.81 -7.03
CA TRP B 47 -10.16 -3.17 -7.41
C TRP B 47 -11.15 -3.14 -8.56
N VAL B 48 -10.95 -4.04 -9.53
CA VAL B 48 -11.77 -4.09 -10.73
C VAL B 48 -12.51 -5.42 -10.85
N ALA B 49 -11.84 -6.53 -10.58
CA ALA B 49 -12.45 -7.84 -10.77
C ALA B 49 -11.93 -8.81 -9.70
N GLY B 50 -12.76 -9.79 -9.36
CA GLY B 50 -12.39 -10.78 -8.38
C GLY B 50 -13.07 -12.11 -8.62
N MET B 51 -12.29 -13.19 -8.67
CA MET B 51 -12.80 -14.54 -8.90
C MET B 51 -12.51 -15.38 -7.67
N SER B 52 -13.56 -16.01 -7.13
CA SER B 52 -13.42 -16.80 -5.93
C SER B 52 -12.67 -18.11 -6.22
N SER B 53 -12.32 -18.81 -5.15
CA SER B 53 -11.60 -20.08 -5.29
C SER B 53 -12.43 -21.09 -6.07
N ALA B 54 -13.72 -21.18 -5.76
CA ALA B 54 -14.58 -22.11 -6.49
C ALA B 54 -14.66 -21.76 -7.97
N GLY B 55 -14.74 -20.48 -8.29
CA GLY B 55 -14.83 -20.02 -9.66
C GLY B 55 -16.23 -19.92 -10.22
N ASP B 56 -17.25 -20.32 -9.46
CA ASP B 56 -18.63 -20.22 -9.92
C ASP B 56 -19.22 -18.83 -9.73
N ARG B 57 -18.56 -17.96 -8.98
CA ARG B 57 -19.03 -16.60 -8.73
C ARG B 57 -17.89 -15.61 -8.92
N SER B 58 -18.16 -14.52 -9.61
CA SER B 58 -17.19 -13.46 -9.84
C SER B 58 -17.83 -12.12 -9.54
N SER B 59 -17.00 -11.15 -9.16
CA SER B 59 -17.47 -9.83 -8.78
C SER B 59 -16.70 -8.76 -9.54
N TYR B 60 -17.40 -7.69 -9.90
CA TYR B 60 -16.84 -6.54 -10.60
C TYR B 60 -17.25 -5.26 -9.87
N GLU B 61 -16.77 -4.12 -10.36
CA GLU B 61 -17.15 -2.82 -9.83
C GLU B 61 -18.02 -2.09 -10.84
N ASP B 62 -18.63 -0.99 -10.39
CA ASP B 62 -19.58 -0.26 -11.22
C ASP B 62 -18.91 0.28 -12.48
N SER B 63 -17.67 0.77 -12.36
CA SER B 63 -17.01 1.41 -13.49
C SER B 63 -16.86 0.45 -14.66
N VAL B 64 -16.48 -0.80 -14.39
CA VAL B 64 -16.23 -1.78 -15.43
C VAL B 64 -17.30 -2.87 -15.44
N LYS B 65 -18.45 -2.60 -14.82
CA LYS B 65 -19.52 -3.60 -14.77
C LYS B 65 -20.03 -3.90 -16.17
N GLY B 66 -20.21 -5.19 -16.46
CA GLY B 66 -20.76 -5.63 -17.72
C GLY B 66 -19.77 -5.67 -18.86
N ARG B 67 -18.50 -5.36 -18.63
CA ARG B 67 -17.48 -5.34 -19.67
C ARG B 67 -16.46 -6.46 -19.52
N PHE B 68 -16.08 -6.82 -18.30
CA PHE B 68 -15.04 -7.82 -18.10
C PHE B 68 -15.65 -9.22 -18.09
N THR B 69 -14.83 -10.20 -18.48
CA THR B 69 -15.21 -11.62 -18.47
C THR B 69 -14.06 -12.39 -17.84
N ILE B 70 -14.08 -12.52 -16.52
CA ILE B 70 -13.01 -13.20 -15.80
C ILE B 70 -13.21 -14.71 -15.89
N SER B 71 -12.15 -15.42 -16.23
CA SER B 71 -12.18 -16.87 -16.39
C SER B 71 -10.95 -17.47 -15.73
N ARG B 72 -11.03 -18.77 -15.43
CA ARG B 72 -9.94 -19.50 -14.79
C ARG B 72 -9.71 -20.81 -15.53
N ASP B 73 -8.46 -21.26 -15.55
CA ASP B 73 -8.08 -22.52 -16.19
C ASP B 73 -7.12 -23.24 -15.25
N ASP B 74 -7.56 -24.40 -14.73
CA ASP B 74 -6.71 -25.18 -13.84
C ASP B 74 -5.62 -25.90 -14.62
N ALA B 75 -5.94 -26.42 -15.81
CA ALA B 75 -4.93 -27.10 -16.61
C ALA B 75 -3.79 -26.17 -16.97
N ARG B 76 -4.11 -24.93 -17.37
CA ARG B 76 -3.10 -23.92 -17.63
C ARG B 76 -2.66 -23.21 -16.35
N ASN B 77 -3.36 -23.42 -15.23
CA ASN B 77 -3.02 -22.76 -13.97
C ASN B 77 -2.97 -21.25 -14.14
N THR B 78 -3.92 -20.71 -14.91
CA THR B 78 -3.89 -19.31 -15.29
C THR B 78 -5.29 -18.73 -15.28
N VAL B 79 -5.42 -17.49 -14.81
CA VAL B 79 -6.66 -16.76 -14.89
C VAL B 79 -6.56 -15.75 -16.02
N TYR B 80 -7.70 -15.36 -16.56
CA TYR B 80 -7.76 -14.43 -17.68
C TYR B 80 -8.86 -13.41 -17.44
N LEU B 81 -8.67 -12.21 -18.00
CA LEU B 81 -9.61 -11.12 -17.85
C LEU B 81 -9.80 -10.46 -19.21
N GLN B 82 -11.04 -10.35 -19.64
CA GLN B 82 -11.39 -9.66 -20.88
C GLN B 82 -11.70 -8.19 -20.60
N MET B 83 -11.82 -7.42 -21.69
CA MET B 83 -12.02 -5.99 -21.60
C MET B 83 -13.20 -5.48 -22.41
N ASN B 84 -13.79 -6.30 -23.28
CA ASN B 84 -14.90 -5.89 -24.15
C ASN B 84 -14.44 -4.63 -24.89
N SER B 85 -15.20 -3.53 -24.85
CA SER B 85 -14.81 -2.29 -25.50
C SER B 85 -14.03 -1.44 -24.51
N LEU B 86 -12.80 -1.08 -24.86
CA LEU B 86 -11.96 -0.28 -23.98
C LEU B 86 -12.45 1.16 -23.92
N LYS B 87 -12.15 1.83 -22.82
CA LYS B 87 -12.46 3.23 -22.62
C LYS B 87 -11.26 3.90 -21.95
N PRO B 88 -11.15 5.23 -22.08
CA PRO B 88 -9.97 5.90 -21.50
C PRO B 88 -9.82 5.68 -20.00
N GLU B 89 -10.92 5.42 -19.29
CA GLU B 89 -10.82 5.19 -17.86
C GLU B 89 -9.99 3.96 -17.51
N ASP B 90 -9.78 3.05 -18.47
CA ASP B 90 -8.98 1.86 -18.26
C ASP B 90 -7.51 2.08 -18.59
N THR B 91 -7.04 3.32 -18.56
CA THR B 91 -5.63 3.60 -18.87
C THR B 91 -4.68 3.07 -17.80
N ALA B 92 -5.20 2.75 -16.62
CA ALA B 92 -4.36 2.32 -15.51
C ALA B 92 -3.79 0.92 -15.76
N VAL B 93 -2.68 0.63 -15.08
CA VAL B 93 -2.06 -0.67 -15.18
C VAL B 93 -2.81 -1.67 -14.30
N TYR B 94 -2.59 -2.96 -14.55
CA TYR B 94 -3.29 -4.03 -13.87
C TYR B 94 -2.30 -4.91 -13.12
N TYR B 95 -2.66 -5.25 -11.87
CA TYR B 95 -1.87 -6.12 -11.01
C TYR B 95 -2.71 -7.32 -10.60
N CYS B 96 -2.04 -8.46 -10.43
CA CYS B 96 -2.67 -9.72 -10.11
C CYS B 96 -2.34 -10.10 -8.67
N ASN B 97 -3.36 -10.27 -7.85
CA ASN B 97 -3.20 -10.53 -6.42
C ASN B 97 -3.80 -11.87 -6.06
N VAL B 98 -3.06 -12.66 -5.28
CA VAL B 98 -3.52 -13.94 -4.76
C VAL B 98 -2.95 -14.11 -3.36
N ASN B 99 -3.83 -14.17 -2.35
CA ASN B 99 -3.40 -14.24 -0.96
C ASN B 99 -3.45 -15.69 -0.48
N VAL B 100 -2.54 -16.49 -1.03
CA VAL B 100 -2.37 -17.86 -0.55
C VAL B 100 -1.77 -17.85 0.85
N GLY B 101 -0.73 -17.05 1.05
CA GLY B 101 -0.13 -16.88 2.36
C GLY B 101 0.58 -15.54 2.41
N PHE B 102 0.56 -14.93 3.58
CA PHE B 102 1.10 -13.57 3.79
C PHE B 102 0.40 -12.67 2.78
N GLU B 103 1.10 -11.99 1.89
CA GLU B 103 0.47 -11.21 0.82
C GLU B 103 1.42 -11.18 -0.36
N TYR B 104 0.90 -11.52 -1.54
CA TYR B 104 1.70 -11.61 -2.76
C TYR B 104 1.18 -10.62 -3.79
N TRP B 105 2.10 -9.88 -4.41
CA TRP B 105 1.78 -8.95 -5.48
C TRP B 105 2.43 -9.42 -6.78
N GLY B 106 1.63 -9.50 -7.84
CA GLY B 106 2.18 -9.83 -9.14
C GLY B 106 2.96 -8.67 -9.73
N GLN B 107 3.81 -9.01 -10.70
CA GLN B 107 4.61 -7.99 -11.36
C GLN B 107 3.72 -7.00 -12.12
N GLY B 108 2.67 -7.49 -12.77
CA GLY B 108 1.71 -6.66 -13.44
C GLY B 108 2.07 -6.37 -14.89
N THR B 109 1.07 -5.91 -15.63
CA THR B 109 1.24 -5.49 -17.01
C THR B 109 0.53 -4.17 -17.25
N GLN B 110 1.06 -3.39 -18.17
CA GLN B 110 0.54 -2.06 -18.47
C GLN B 110 -0.53 -2.13 -19.55
N VAL B 111 -1.60 -1.35 -19.35
CA VAL B 111 -2.68 -1.26 -20.32
C VAL B 111 -3.15 0.17 -20.40
N MET B 112 -2.79 0.87 -21.47
CA MET B 112 -3.27 2.23 -21.71
C MET B 112 -4.02 2.26 -23.03
N VAL B 113 -5.24 2.81 -23.00
CA VAL B 113 -6.03 2.91 -24.21
C VAL B 113 -5.43 3.94 -25.16
N SER B 114 -4.96 5.06 -24.64
CA SER B 114 -4.38 6.13 -25.44
C SER B 114 -5.38 6.61 -26.50
N GLN C 4 6.99 22.69 -0.08
CA GLN C 4 7.31 21.40 -0.75
C GLN C 4 7.32 21.57 -2.26
N VAL C 5 8.04 20.69 -2.95
CA VAL C 5 8.19 20.72 -4.40
C VAL C 5 7.47 19.51 -4.97
N GLN C 6 6.60 19.75 -5.94
CA GLN C 6 5.83 18.69 -6.60
C GLN C 6 6.27 18.59 -8.06
N LEU C 7 6.59 17.37 -8.49
CA LEU C 7 7.03 17.10 -9.85
C LEU C 7 5.89 16.46 -10.63
N VAL C 8 5.58 17.01 -11.80
CA VAL C 8 4.47 16.57 -12.62
C VAL C 8 5.02 15.99 -13.92
N GLU C 9 4.52 14.80 -14.28
CA GLU C 9 4.94 14.11 -15.49
C GLU C 9 3.83 14.16 -16.53
N ASN C 10 4.23 14.25 -17.80
CA ASN C 10 3.27 14.30 -18.89
C ASN C 10 3.91 13.68 -20.14
N GLY C 11 3.05 13.22 -21.04
CA GLY C 11 3.52 12.68 -22.31
C GLY C 11 3.40 11.17 -22.41
N GLY C 12 2.34 10.61 -21.85
CA GLY C 12 2.12 9.17 -21.91
C GLY C 12 1.36 8.72 -23.13
N GLY C 13 2.01 8.78 -24.30
CA GLY C 13 1.39 8.40 -25.54
C GLY C 13 1.76 6.99 -25.98
N CYS C 14 1.01 6.48 -26.95
CA CYS C 14 1.22 5.14 -27.49
C CYS C 14 1.94 5.26 -28.83
N VAL C 15 3.14 4.69 -28.90
CA VAL C 15 3.96 4.71 -30.11
C VAL C 15 4.39 3.29 -30.42
N LYS C 16 4.17 2.86 -31.66
CA LYS C 16 4.58 1.53 -32.09
C LYS C 16 6.10 1.52 -32.29
N ALA C 17 6.61 0.38 -32.77
CA ALA C 17 8.04 0.25 -33.01
C ALA C 17 8.51 1.31 -34.00
N GLY C 18 9.59 2.01 -33.65
CA GLY C 18 10.13 3.07 -34.46
C GLY C 18 9.51 4.43 -34.21
N GLY C 19 8.48 4.52 -33.38
CA GLY C 19 7.87 5.80 -33.09
C GLY C 19 8.65 6.60 -32.06
N SER C 20 8.26 7.87 -31.92
CA SER C 20 8.91 8.79 -31.00
C SER C 20 7.85 9.51 -30.18
N LEU C 21 8.12 9.64 -28.88
CA LEU C 21 7.25 10.37 -27.97
C LEU C 21 8.10 11.15 -26.99
N ARG C 22 7.54 12.25 -26.47
CA ARG C 22 8.24 13.15 -25.58
C ARG C 22 7.64 13.06 -24.18
N LEU C 23 8.50 12.91 -23.18
CA LEU C 23 8.10 12.89 -21.78
C LEU C 23 8.61 14.13 -21.09
N SER C 24 7.71 14.88 -20.45
CA SER C 24 8.04 16.15 -19.81
C SER C 24 7.89 16.00 -18.30
N CYS C 25 8.89 16.49 -17.56
CA CYS C 25 8.88 16.52 -16.10
C CYS C 25 9.04 17.96 -15.67
N ALA C 26 8.01 18.52 -15.04
CA ALA C 26 7.99 19.91 -14.62
C ALA C 26 8.00 20.00 -13.10
N ALA C 27 8.91 20.80 -12.56
CA ALA C 27 9.03 20.99 -11.12
C ALA C 27 8.34 22.28 -10.73
N SER C 28 7.46 22.20 -9.73
CA SER C 28 6.71 23.34 -9.24
C SER C 28 7.34 23.88 -7.95
N GLY C 29 6.80 24.99 -7.46
CA GLY C 29 7.30 25.61 -6.26
C GLY C 29 8.50 26.49 -6.53
N SER C 30 9.06 27.02 -5.43
CA SER C 30 10.22 27.90 -5.49
C SER C 30 11.48 27.07 -5.24
N ILE C 31 12.28 26.87 -6.28
CA ILE C 31 13.51 26.11 -6.19
C ILE C 31 14.66 26.99 -6.68
N PHE C 32 15.66 27.18 -5.84
CA PHE C 32 16.80 28.01 -6.22
C PHE C 32 17.56 27.39 -7.38
N SER C 33 17.80 26.08 -7.33
CA SER C 33 18.54 25.39 -8.38
C SER C 33 18.31 23.89 -8.24
N ILE C 34 18.62 23.16 -9.30
CA ILE C 34 18.53 21.70 -9.32
C ILE C 34 19.91 21.16 -9.65
N ASN C 35 20.42 20.28 -8.78
CA ASN C 35 21.74 19.70 -9.02
C ASN C 35 21.75 18.84 -10.28
N ARG C 36 20.73 18.00 -10.46
CA ARG C 36 20.69 17.09 -11.60
C ARG C 36 19.32 16.44 -11.68
N MET C 37 18.84 16.27 -12.92
CA MET C 37 17.57 15.63 -13.22
C MET C 37 17.83 14.33 -13.98
N THR C 38 17.19 13.25 -13.53
CA THR C 38 17.42 11.94 -14.12
C THR C 38 16.09 11.27 -14.44
N TRP C 39 16.12 10.42 -15.47
CA TRP C 39 15.00 9.60 -15.89
C TRP C 39 15.34 8.13 -15.66
N TYR C 40 14.47 7.45 -14.94
CA TYR C 40 14.60 6.04 -14.57
C TYR C 40 13.51 5.22 -15.24
N ARG C 41 13.86 4.01 -15.65
CA ARG C 41 12.94 3.08 -16.28
C ARG C 41 12.67 1.91 -15.33
N GLN C 42 11.40 1.61 -15.09
CA GLN C 42 10.97 0.55 -14.19
C GLN C 42 10.05 -0.40 -14.93
N ALA C 43 10.46 -1.65 -15.08
CA ALA C 43 9.61 -2.67 -15.67
C ALA C 43 8.84 -3.40 -14.60
N PRO C 44 7.72 -4.04 -14.96
CA PRO C 44 6.93 -4.75 -13.93
C PRO C 44 7.73 -5.81 -13.19
N GLY C 45 8.62 -6.51 -13.89
CA GLY C 45 9.38 -7.59 -13.29
C GLY C 45 10.87 -7.38 -13.19
N LYS C 46 11.38 -6.17 -13.45
CA LYS C 46 12.80 -5.90 -13.41
C LYS C 46 13.07 -4.73 -12.45
N GLU C 47 14.30 -4.69 -11.96
CA GLU C 47 14.68 -3.68 -10.97
C GLU C 47 14.79 -2.31 -11.64
N ARG C 48 14.99 -1.29 -10.80
CA ARG C 48 15.09 0.08 -11.29
C ARG C 48 16.40 0.27 -12.04
N GLU C 49 16.32 0.90 -13.21
CA GLU C 49 17.51 1.17 -14.02
C GLU C 49 17.44 2.61 -14.50
N TRP C 50 18.53 3.34 -14.32
CA TRP C 50 18.57 4.73 -14.78
C TRP C 50 18.63 4.78 -16.30
N VAL C 51 17.91 5.73 -16.88
CA VAL C 51 17.87 5.93 -18.32
C VAL C 51 18.74 7.11 -18.73
N ALA C 52 18.48 8.29 -18.18
CA ALA C 52 19.23 9.48 -18.56
C ALA C 52 19.53 10.31 -17.32
N ALA C 53 20.57 11.14 -17.42
CA ALA C 53 20.92 12.07 -16.36
C ALA C 53 21.49 13.34 -16.98
N ILE C 54 21.01 14.50 -16.52
CA ILE C 54 21.51 15.78 -16.97
C ILE C 54 21.81 16.64 -15.75
N THR C 55 22.97 17.29 -15.75
CA THR C 55 23.46 18.05 -14.61
C THR C 55 23.38 19.55 -14.91
N SER C 56 23.44 20.34 -13.85
CA SER C 56 23.39 21.80 -13.99
C SER C 56 24.52 22.32 -14.87
N GLY C 57 25.64 21.60 -14.92
CA GLY C 57 26.76 21.98 -15.74
C GLY C 57 26.64 21.60 -17.21
N GLY C 58 25.54 20.96 -17.59
CA GLY C 58 25.32 20.55 -18.96
C GLY C 58 25.78 19.14 -19.28
N SER C 59 26.47 18.47 -18.36
CA SER C 59 26.91 17.10 -18.61
C SER C 59 25.71 16.18 -18.77
N THR C 60 25.78 15.32 -19.79
CA THR C 60 24.73 14.36 -20.08
C THR C 60 25.28 12.95 -19.97
N ASN C 61 24.56 12.08 -19.26
CA ASN C 61 24.96 10.69 -19.07
C ASN C 61 23.82 9.79 -19.51
N TYR C 62 24.15 8.80 -20.35
CA TYR C 62 23.18 7.85 -20.88
C TYR C 62 23.67 6.44 -20.62
N ALA C 63 22.73 5.50 -20.60
CA ALA C 63 23.09 4.09 -20.52
C ALA C 63 23.64 3.62 -21.86
N ASP C 64 24.31 2.46 -21.83
CA ASP C 64 24.91 1.93 -23.05
C ASP C 64 23.86 1.67 -24.11
N SER C 65 22.74 1.06 -23.73
CA SER C 65 21.67 0.81 -24.69
C SER C 65 20.86 2.07 -24.97
N VAL C 66 20.71 2.96 -23.98
CA VAL C 66 19.92 4.16 -24.17
C VAL C 66 20.56 5.08 -25.20
N LYS C 67 21.89 5.11 -25.24
CA LYS C 67 22.59 6.00 -26.15
C LYS C 67 22.16 5.74 -27.59
N GLY C 68 21.94 6.82 -28.34
CA GLY C 68 21.56 6.74 -29.73
C GLY C 68 20.06 6.67 -29.98
N ARG C 69 19.25 6.62 -28.93
CA ARG C 69 17.80 6.55 -29.08
C ARG C 69 17.07 7.63 -28.30
N PHE C 70 17.57 8.01 -27.12
CA PHE C 70 16.91 8.98 -26.26
C PHE C 70 17.77 10.24 -26.17
N THR C 71 17.10 11.39 -26.06
CA THR C 71 17.76 12.67 -25.87
C THR C 71 17.14 13.39 -24.68
N ILE C 72 17.99 14.11 -23.93
CA ILE C 72 17.58 14.79 -22.70
C ILE C 72 17.87 16.27 -22.85
N SER C 73 16.97 17.11 -22.34
CA SER C 73 17.19 18.56 -22.37
C SER C 73 16.42 19.18 -21.21
N ARG C 74 17.14 19.78 -20.26
CA ARG C 74 16.53 20.42 -19.10
C ARG C 74 16.84 21.91 -19.12
N ASP C 75 15.84 22.70 -18.74
CA ASP C 75 15.97 24.14 -18.63
C ASP C 75 15.87 24.51 -17.15
N ASN C 76 16.92 25.15 -16.63
CA ASN C 76 16.95 25.56 -15.23
C ASN C 76 15.97 26.70 -14.98
N ALA C 77 15.98 27.72 -15.84
CA ALA C 77 15.04 28.81 -15.69
C ALA C 77 13.60 28.32 -15.80
N GLU C 78 13.35 27.42 -16.75
CA GLU C 78 12.06 26.73 -16.83
C GLU C 78 12.01 25.50 -15.91
N ASN C 79 13.11 25.20 -15.22
CA ASN C 79 13.23 24.11 -14.25
C ASN C 79 12.44 22.89 -14.67
N THR C 80 12.49 22.53 -15.94
CA THR C 80 11.76 21.38 -16.47
C THR C 80 12.65 20.60 -17.42
N VAL C 81 12.44 19.29 -17.48
CA VAL C 81 13.29 18.39 -18.26
C VAL C 81 12.42 17.63 -19.25
N TYR C 82 12.85 17.61 -20.51
CA TYR C 82 12.17 16.90 -21.58
C TYR C 82 13.06 15.78 -22.08
N LEU C 83 12.49 14.58 -22.22
CA LEU C 83 13.17 13.42 -22.75
C LEU C 83 12.45 12.97 -24.01
N GLN C 84 13.13 13.04 -25.15
CA GLN C 84 12.57 12.61 -26.43
C GLN C 84 13.06 11.20 -26.72
N MET C 85 12.12 10.27 -26.88
CA MET C 85 12.43 8.87 -27.08
C MET C 85 12.36 8.52 -28.57
N ASN C 86 13.35 9.02 -29.29
CA ASN C 86 13.43 8.75 -30.72
C ASN C 86 13.71 7.27 -30.97
N SER C 87 13.07 6.72 -31.99
CA SER C 87 13.24 5.31 -32.36
C SER C 87 12.94 4.40 -31.17
N LEU C 88 11.76 4.59 -30.57
CA LEU C 88 11.37 3.79 -29.41
C LEU C 88 11.29 2.32 -29.78
N LYS C 89 11.83 1.47 -28.90
CA LYS C 89 11.95 0.03 -29.12
C LYS C 89 10.92 -0.72 -28.28
N PRO C 90 10.44 -1.88 -28.74
CA PRO C 90 9.47 -2.63 -27.92
C PRO C 90 10.00 -3.03 -26.54
N GLU C 91 11.30 -3.28 -26.40
CA GLU C 91 11.80 -3.82 -25.14
C GLU C 91 11.59 -2.84 -23.98
N ASP C 92 11.86 -1.55 -24.21
CA ASP C 92 11.74 -0.55 -23.16
C ASP C 92 10.30 -0.04 -23.07
N THR C 93 9.40 -0.98 -22.76
CA THR C 93 7.99 -0.70 -22.56
C THR C 93 7.66 -0.38 -21.12
N ALA C 94 8.67 -0.10 -20.30
CA ALA C 94 8.51 0.08 -18.87
C ALA C 94 7.99 1.49 -18.54
N VAL C 95 7.53 1.64 -17.30
CA VAL C 95 7.12 2.97 -16.84
C VAL C 95 8.35 3.81 -16.58
N TYR C 96 8.15 5.13 -16.55
CA TYR C 96 9.25 6.07 -16.41
C TYR C 96 9.01 7.00 -15.22
N TYR C 97 10.09 7.30 -14.51
CA TYR C 97 10.06 8.19 -13.36
C TYR C 97 11.15 9.24 -13.51
N CYS C 98 10.94 10.39 -12.87
CA CYS C 98 11.90 11.48 -12.89
C CYS C 98 12.37 11.78 -11.47
N GLU C 99 13.65 12.11 -11.34
CA GLU C 99 14.27 12.37 -10.05
C GLU C 99 15.03 13.68 -10.10
N ALA C 100 14.81 14.53 -9.10
CA ALA C 100 15.60 15.72 -8.85
C ALA C 100 16.47 15.43 -7.63
N TYR C 101 17.72 15.02 -7.87
CA TYR C 101 18.58 14.63 -6.76
C TYR C 101 18.80 15.79 -5.79
N GLY C 102 19.06 16.97 -6.32
CA GLY C 102 19.25 18.15 -5.48
C GLY C 102 18.13 19.17 -5.64
N THR C 103 17.41 19.45 -4.56
CA THR C 103 16.29 20.39 -4.57
C THR C 103 16.49 21.37 -3.42
N TYR C 104 17.22 22.45 -3.70
CA TYR C 104 17.46 23.50 -2.71
C TYR C 104 16.37 24.56 -2.87
N THR C 105 15.36 24.49 -2.01
CA THR C 105 14.27 25.46 -2.03
C THR C 105 14.53 26.51 -0.95
N LEU C 106 14.70 27.76 -1.37
CA LEU C 106 15.01 28.86 -0.47
C LEU C 106 13.85 29.84 -0.46
N ALA C 107 13.33 30.12 0.73
CA ALA C 107 12.24 31.08 0.89
C ALA C 107 12.79 32.49 1.03
N PRO C 108 11.97 33.50 0.72
CA PRO C 108 12.45 34.89 0.89
C PRO C 108 12.86 35.21 2.31
N THR C 109 12.20 34.62 3.31
CA THR C 109 12.53 34.88 4.70
C THR C 109 13.92 34.36 5.10
N GLY C 110 14.53 33.51 4.27
CA GLY C 110 15.84 32.98 4.56
C GLY C 110 15.85 31.55 5.09
N GLU C 111 14.70 30.89 5.15
CA GLU C 111 14.61 29.51 5.59
C GLU C 111 14.39 28.62 4.38
N GLY C 112 15.23 27.58 4.25
CA GLY C 112 15.17 26.72 3.09
C GLY C 112 15.31 25.26 3.46
N GLU C 113 15.14 24.41 2.46
CA GLU C 113 15.20 22.97 2.61
C GLU C 113 15.97 22.36 1.46
N TYR C 114 16.63 21.23 1.73
CA TYR C 114 17.36 20.47 0.72
C TYR C 114 17.06 18.99 0.95
N ASP C 115 16.19 18.42 0.12
CA ASP C 115 15.77 17.03 0.26
C ASP C 115 15.55 16.45 -1.14
N ASP C 116 14.99 15.25 -1.18
CA ASP C 116 14.70 14.54 -2.42
C ASP C 116 13.20 14.37 -2.58
N TYR C 117 12.72 14.58 -3.80
CA TYR C 117 11.31 14.44 -4.13
C TYR C 117 11.15 13.56 -5.35
N TRP C 118 10.01 12.85 -5.41
CA TRP C 118 9.72 11.90 -6.46
C TRP C 118 8.47 12.35 -7.22
N GLY C 119 8.53 12.31 -8.54
CA GLY C 119 7.36 12.57 -9.35
C GLY C 119 6.66 11.29 -9.75
N GLN C 120 5.33 11.38 -9.85
CA GLN C 120 4.55 10.20 -10.22
C GLN C 120 4.92 9.74 -11.62
N GLY C 121 4.92 8.42 -11.81
CA GLY C 121 5.38 7.87 -13.06
C GLY C 121 4.48 8.20 -14.23
N THR C 122 5.03 8.02 -15.43
CA THR C 122 4.32 8.24 -16.68
C THR C 122 4.21 6.90 -17.41
N GLN C 123 2.99 6.50 -17.75
CA GLN C 123 2.75 5.19 -18.34
C GLN C 123 3.11 5.24 -19.82
N VAL C 124 4.15 4.50 -20.20
CA VAL C 124 4.59 4.41 -21.59
C VAL C 124 4.82 2.94 -21.92
N MET C 125 4.30 2.52 -23.08
CA MET C 125 4.49 1.14 -23.52
C MET C 125 4.43 1.10 -25.04
N VAL C 126 4.92 0.00 -25.61
CA VAL C 126 5.01 -0.18 -27.05
C VAL C 126 4.35 -1.51 -27.41
N SER C 127 3.56 -1.49 -28.48
CA SER C 127 2.89 -2.69 -28.96
C SER C 127 3.74 -3.43 -29.97
#